data_2N1S
#
_entry.id   2N1S
#
_entity_poly.entity_id   1
_entity_poly.type   'polypeptide(L)'
_entity_poly.pdbx_seq_one_letter_code
;AAGQCYRGRCSGGLCCSKYGYCGSGPAYCG
;
_entity_poly.pdbx_strand_id   A
#
# COMPACT_ATOMS: atom_id res chain seq x y z
N ALA A 1 -3.43 -9.26 -7.92
CA ALA A 1 -4.40 -8.99 -6.86
C ALA A 1 -4.14 -7.63 -6.22
N ALA A 2 -3.10 -7.56 -5.39
CA ALA A 2 -2.75 -6.31 -4.72
C ALA A 2 -1.31 -6.36 -4.21
N GLY A 3 -1.07 -7.15 -3.17
CA GLY A 3 0.27 -7.26 -2.62
C GLY A 3 0.36 -6.71 -1.21
N GLN A 4 1.05 -7.42 -0.34
CA GLN A 4 1.21 -6.99 1.05
C GLN A 4 2.45 -6.12 1.22
N CYS A 5 2.35 -5.10 2.07
CA CYS A 5 3.46 -4.19 2.32
C CYS A 5 4.60 -4.90 3.02
N TYR A 6 5.81 -4.42 2.82
CA TYR A 6 7.00 -5.02 3.43
C TYR A 6 7.55 -4.11 4.52
N ARG A 7 7.51 -4.58 5.77
CA ARG A 7 8.00 -3.81 6.90
C ARG A 7 7.48 -2.38 6.86
N GLY A 8 6.20 -2.23 6.51
CA GLY A 8 5.61 -0.91 6.44
C GLY A 8 6.14 -0.10 5.27
N ARG A 9 6.48 -0.79 4.19
CA ARG A 9 6.99 -0.12 2.99
C ARG A 9 6.61 -0.88 1.74
N CYS A 10 6.13 -0.16 0.73
CA CYS A 10 5.73 -0.76 -0.53
C CYS A 10 6.59 -0.25 -1.68
N SER A 11 6.73 -1.07 -2.72
CA SER A 11 7.54 -0.71 -3.88
C SER A 11 6.69 0.03 -4.90
N GLY A 12 7.30 0.33 -6.06
CA GLY A 12 6.59 1.03 -7.10
C GLY A 12 6.04 2.35 -6.64
N GLY A 13 6.63 2.91 -5.58
CA GLY A 13 6.16 4.18 -5.06
C GLY A 13 4.71 4.14 -4.63
N LEU A 14 4.19 2.94 -4.41
CA LEU A 14 2.80 2.76 -4.00
C LEU A 14 2.63 3.13 -2.53
N CYS A 15 1.38 3.06 -2.05
CA CYS A 15 1.08 3.39 -0.67
C CYS A 15 0.52 2.17 0.07
N CYS A 16 0.77 2.11 1.38
CA CYS A 16 0.29 1.00 2.19
C CYS A 16 -1.12 1.27 2.70
N SER A 17 -2.02 0.31 2.45
CA SER A 17 -3.41 0.45 2.87
C SER A 17 -3.57 0.05 4.34
N LYS A 18 -4.74 0.32 4.90
CA LYS A 18 -5.02 -0.01 6.29
C LYS A 18 -5.13 -1.52 6.48
N TYR A 19 -5.16 -2.24 5.37
CA TYR A 19 -5.25 -3.71 5.42
C TYR A 19 -3.89 -4.35 5.18
N GLY A 20 -2.86 -3.52 5.12
CA GLY A 20 -1.51 -4.03 4.90
C GLY A 20 -1.24 -4.33 3.43
N TYR A 21 -2.16 -3.91 2.57
CA TYR A 21 -2.02 -4.14 1.13
C TYR A 21 -1.62 -2.86 0.41
N CYS A 22 -0.69 -2.97 -0.53
CA CYS A 22 -0.23 -1.82 -1.29
C CYS A 22 -1.25 -1.42 -2.36
N GLY A 23 -1.22 -0.16 -2.75
CA GLY A 23 -2.15 0.33 -3.76
C GLY A 23 -2.07 1.83 -3.94
N SER A 24 -3.14 2.40 -4.49
CA SER A 24 -3.19 3.84 -4.73
C SER A 24 -4.50 4.43 -4.21
N GLY A 25 -4.73 5.70 -4.53
CA GLY A 25 -5.94 6.37 -4.09
C GLY A 25 -5.76 7.09 -2.77
N PRO A 26 -6.81 7.85 -2.35
CA PRO A 26 -6.73 8.59 -1.09
C PRO A 26 -6.90 7.64 0.10
N ALA A 27 -7.53 6.50 -0.16
CA ALA A 27 -7.76 5.51 0.87
C ALA A 27 -6.52 4.67 1.12
N TYR A 28 -5.47 4.92 0.33
CA TYR A 28 -4.22 4.20 0.47
C TYR A 28 -3.08 5.13 0.85
N CYS A 29 -3.07 6.32 0.26
CA CYS A 29 -2.04 7.30 0.55
C CYS A 29 -2.51 8.28 1.63
N GLY A 30 -3.82 8.44 1.75
CA GLY A 30 -4.38 9.34 2.75
C GLY A 30 -4.36 8.74 4.14
N ALA A 1 -5.03 -9.97 -7.00
CA ALA A 1 -4.28 -9.64 -5.80
C ALA A 1 -3.51 -8.33 -5.97
N ALA A 2 -3.71 -7.40 -5.05
CA ALA A 2 -3.05 -6.10 -5.10
C ALA A 2 -1.59 -6.22 -4.66
N GLY A 3 -1.37 -6.84 -3.51
CA GLY A 3 -0.03 -7.00 -2.99
C GLY A 3 0.10 -6.53 -1.55
N GLN A 4 0.82 -7.30 -0.74
CA GLN A 4 1.01 -6.95 0.66
C GLN A 4 2.27 -6.10 0.84
N CYS A 5 2.20 -5.14 1.75
CA CYS A 5 3.33 -4.26 2.02
C CYS A 5 4.48 -5.02 2.65
N TYR A 6 5.62 -4.36 2.79
CA TYR A 6 6.80 -4.98 3.40
C TYR A 6 7.42 -4.07 4.44
N ARG A 7 7.25 -4.44 5.72
CA ARG A 7 7.79 -3.65 6.82
C ARG A 7 7.45 -2.18 6.66
N GLY A 8 6.25 -1.90 6.15
CA GLY A 8 5.83 -0.53 5.94
C GLY A 8 6.42 0.08 4.69
N ARG A 9 6.68 -0.76 3.69
CA ARG A 9 7.26 -0.29 2.44
C ARG A 9 6.65 -1.04 1.26
N CYS A 10 6.27 -0.29 0.22
CA CYS A 10 5.67 -0.88 -0.97
C CYS A 10 6.44 -0.46 -2.22
N SER A 11 6.34 -1.29 -3.26
CA SER A 11 7.04 -1.01 -4.52
C SER A 11 6.23 -0.05 -5.39
N GLY A 12 6.79 0.33 -6.52
CA GLY A 12 6.11 1.25 -7.42
C GLY A 12 5.71 2.54 -6.74
N GLY A 13 6.43 2.88 -5.67
CA GLY A 13 6.13 4.11 -4.95
C GLY A 13 4.69 4.18 -4.50
N LEU A 14 4.05 3.01 -4.35
CA LEU A 14 2.66 2.95 -3.93
C LEU A 14 2.52 3.24 -2.44
N CYS A 15 1.29 3.25 -1.95
CA CYS A 15 1.03 3.51 -0.54
C CYS A 15 0.47 2.26 0.16
N CYS A 16 0.75 2.14 1.44
CA CYS A 16 0.27 1.00 2.22
C CYS A 16 -1.12 1.25 2.78
N SER A 17 -2.05 0.34 2.51
CA SER A 17 -3.41 0.47 2.98
C SER A 17 -3.55 0.00 4.42
N LYS A 18 -4.70 0.27 5.03
CA LYS A 18 -4.95 -0.13 6.41
C LYS A 18 -5.08 -1.64 6.52
N TYR A 19 -5.15 -2.31 5.38
CA TYR A 19 -5.27 -3.76 5.36
C TYR A 19 -3.94 -4.43 5.05
N GLY A 20 -2.88 -3.61 5.00
CA GLY A 20 -1.57 -4.13 4.72
C GLY A 20 -1.33 -4.36 3.24
N TYR A 21 -2.26 -3.88 2.41
CA TYR A 21 -2.16 -4.05 0.97
C TYR A 21 -1.77 -2.73 0.31
N CYS A 22 -0.86 -2.82 -0.66
CA CYS A 22 -0.40 -1.64 -1.38
C CYS A 22 -1.43 -1.18 -2.41
N GLY A 23 -1.40 0.11 -2.72
CA GLY A 23 -2.35 0.65 -3.69
C GLY A 23 -2.24 2.16 -3.81
N SER A 24 -3.32 2.78 -4.30
CA SER A 24 -3.34 4.24 -4.46
C SER A 24 -4.62 4.83 -3.88
N GLY A 25 -4.84 6.12 -4.13
CA GLY A 25 -6.01 6.77 -3.62
C GLY A 25 -5.79 7.43 -2.27
N PRO A 26 -6.80 8.19 -1.79
CA PRO A 26 -6.69 8.85 -0.50
C PRO A 26 -6.84 7.86 0.65
N ALA A 27 -7.49 6.75 0.35
CA ALA A 27 -7.72 5.70 1.34
C ALA A 27 -6.49 4.83 1.51
N TYR A 28 -5.46 5.10 0.71
CA TYR A 28 -4.22 4.35 0.77
C TYR A 28 -3.05 5.24 1.18
N CYS A 29 -3.04 6.46 0.64
CA CYS A 29 -1.98 7.42 0.95
C CYS A 29 -2.40 8.35 2.08
N GLY A 30 -3.71 8.51 2.25
CA GLY A 30 -4.21 9.37 3.30
C GLY A 30 -4.19 10.84 2.91
N ALA A 1 -3.28 -10.20 -5.93
CA ALA A 1 -4.41 -9.29 -5.91
C ALA A 1 -3.94 -7.84 -5.78
N ALA A 2 -2.78 -7.65 -5.16
CA ALA A 2 -2.23 -6.31 -4.97
C ALA A 2 -0.80 -6.39 -4.45
N GLY A 3 -0.64 -6.94 -3.25
CA GLY A 3 0.69 -7.06 -2.66
C GLY A 3 0.74 -6.50 -1.26
N GLN A 4 1.43 -7.21 -0.37
CA GLN A 4 1.56 -6.78 1.02
C GLN A 4 2.79 -5.91 1.21
N CYS A 5 2.67 -4.88 2.04
CA CYS A 5 3.78 -3.97 2.31
C CYS A 5 4.89 -4.68 3.07
N TYR A 6 6.12 -4.20 2.87
CA TYR A 6 7.27 -4.79 3.54
C TYR A 6 7.80 -3.87 4.64
N ARG A 7 7.54 -4.22 5.89
CA ARG A 7 7.98 -3.43 7.03
C ARG A 7 7.66 -1.96 6.82
N GLY A 8 6.53 -1.69 6.18
CA GLY A 8 6.13 -0.32 5.93
C GLY A 8 6.62 0.20 4.59
N ARG A 9 6.92 -0.72 3.68
CA ARG A 9 7.40 -0.35 2.36
C ARG A 9 6.52 -0.94 1.26
N CYS A 10 6.64 -0.38 0.05
CA CYS A 10 5.85 -0.86 -1.07
C CYS A 10 6.61 -0.67 -2.39
N SER A 11 6.06 -1.23 -3.46
CA SER A 11 6.69 -1.12 -4.77
C SER A 11 6.10 0.03 -5.57
N GLY A 12 6.83 0.48 -6.59
CA GLY A 12 6.36 1.57 -7.42
C GLY A 12 5.97 2.79 -6.60
N GLY A 13 6.65 2.99 -5.49
CA GLY A 13 6.37 4.13 -4.63
C GLY A 13 4.89 4.22 -4.27
N LEU A 14 4.25 3.07 -4.15
CA LEU A 14 2.83 3.01 -3.82
C LEU A 14 2.60 3.33 -2.34
N CYS A 15 1.34 3.35 -1.92
CA CYS A 15 1.01 3.63 -0.53
C CYS A 15 0.51 2.37 0.16
N CYS A 16 0.74 2.29 1.47
CA CYS A 16 0.31 1.14 2.26
C CYS A 16 -1.12 1.32 2.76
N SER A 17 -1.97 0.34 2.48
CA SER A 17 -3.36 0.40 2.90
C SER A 17 -3.51 -0.05 4.36
N LYS A 18 -4.69 0.17 4.92
CA LYS A 18 -4.97 -0.21 6.30
C LYS A 18 -5.01 -1.73 6.45
N TYR A 19 -5.00 -2.43 5.32
CA TYR A 19 -5.04 -3.88 5.34
C TYR A 19 -3.65 -4.47 5.10
N GLY A 20 -2.64 -3.59 5.05
CA GLY A 20 -1.28 -4.04 4.83
C GLY A 20 -0.98 -4.29 3.37
N TYR A 21 -1.91 -3.90 2.50
CA TYR A 21 -1.73 -4.08 1.06
C TYR A 21 -1.40 -2.75 0.39
N CYS A 22 -0.46 -2.80 -0.55
CA CYS A 22 -0.05 -1.61 -1.27
C CYS A 22 -1.06 -1.24 -2.35
N GLY A 23 -1.10 0.03 -2.72
CA GLY A 23 -2.04 0.48 -3.73
C GLY A 23 -2.03 1.99 -3.89
N SER A 24 -3.12 2.53 -4.43
CA SER A 24 -3.23 3.96 -4.65
C SER A 24 -4.57 4.49 -4.13
N GLY A 25 -4.87 5.75 -4.42
CA GLY A 25 -6.11 6.35 -3.98
C GLY A 25 -5.98 7.03 -2.64
N PRO A 26 -7.06 7.74 -2.22
CA PRO A 26 -7.04 8.45 -0.94
C PRO A 26 -7.18 7.47 0.22
N ALA A 27 -7.75 6.30 -0.08
CA ALA A 27 -7.94 5.26 0.93
C ALA A 27 -6.65 4.49 1.17
N TYR A 28 -5.62 4.81 0.41
CA TYR A 28 -4.33 4.15 0.55
C TYR A 28 -3.24 5.13 0.97
N CYS A 29 -3.29 6.33 0.40
CA CYS A 29 -2.32 7.37 0.72
C CYS A 29 -2.85 8.30 1.81
N GLY A 30 -4.16 8.38 1.92
CA GLY A 30 -4.79 9.23 2.93
C GLY A 30 -4.82 10.68 2.50
N ALA A 1 -6.81 -8.70 -4.86
CA ALA A 1 -5.43 -8.87 -5.30
C ALA A 1 -4.78 -7.53 -5.62
N ALA A 2 -3.56 -7.33 -5.13
CA ALA A 2 -2.84 -6.10 -5.35
C ALA A 2 -1.39 -6.21 -4.88
N GLY A 3 -1.19 -6.87 -3.74
CA GLY A 3 0.15 -7.05 -3.21
C GLY A 3 0.25 -6.62 -1.76
N GLN A 4 0.95 -7.41 -0.96
CA GLN A 4 1.13 -7.11 0.46
C GLN A 4 2.37 -6.26 0.69
N CYS A 5 2.27 -5.30 1.59
CA CYS A 5 3.39 -4.42 1.91
C CYS A 5 4.51 -5.19 2.59
N TYR A 6 5.64 -4.51 2.80
CA TYR A 6 6.79 -5.14 3.44
C TYR A 6 7.35 -4.23 4.54
N ARG A 7 7.07 -4.58 5.79
CA ARG A 7 7.54 -3.81 6.93
C ARG A 7 7.27 -2.32 6.73
N GLY A 8 6.10 -2.01 6.20
CA GLY A 8 5.73 -0.62 5.96
C GLY A 8 6.39 -0.06 4.71
N ARG A 9 6.70 -0.94 3.77
CA ARG A 9 7.34 -0.53 2.51
C ARG A 9 6.74 -1.28 1.33
N CYS A 10 6.20 -0.54 0.36
CA CYS A 10 5.61 -1.13 -0.82
C CYS A 10 6.46 -0.88 -2.05
N SER A 11 6.12 -1.54 -3.15
CA SER A 11 6.87 -1.39 -4.40
C SER A 11 6.19 -0.36 -5.31
N GLY A 12 6.89 0.02 -6.38
CA GLY A 12 6.35 0.99 -7.30
C GLY A 12 5.98 2.30 -6.62
N GLY A 13 6.65 2.60 -5.53
CA GLY A 13 6.37 3.83 -4.80
C GLY A 13 4.91 3.95 -4.40
N LEU A 14 4.24 2.81 -4.30
CA LEU A 14 2.83 2.79 -3.93
C LEU A 14 2.65 3.06 -2.44
N CYS A 15 1.40 3.12 -2.00
CA CYS A 15 1.09 3.37 -0.60
C CYS A 15 0.50 2.13 0.06
N CYS A 16 0.76 1.97 1.35
CA CYS A 16 0.26 0.81 2.10
C CYS A 16 -1.15 1.08 2.62
N SER A 17 -2.07 0.17 2.32
CA SER A 17 -3.45 0.31 2.76
C SER A 17 -3.62 -0.16 4.20
N LYS A 18 -4.78 0.11 4.77
CA LYS A 18 -5.08 -0.30 6.14
C LYS A 18 -5.23 -1.80 6.24
N TYR A 19 -5.28 -2.47 5.10
CA TYR A 19 -5.41 -3.92 5.05
C TYR A 19 -4.06 -4.60 4.81
N GLY A 20 -3.02 -3.79 4.74
CA GLY A 20 -1.68 -4.32 4.50
C GLY A 20 -1.39 -4.53 3.03
N TYR A 21 -2.29 -4.05 2.18
CA TYR A 21 -2.13 -4.20 0.74
C TYR A 21 -1.72 -2.88 0.10
N CYS A 22 -0.78 -2.94 -0.83
CA CYS A 22 -0.29 -1.75 -1.52
C CYS A 22 -1.29 -1.29 -2.57
N GLY A 23 -1.27 0.01 -2.88
CA GLY A 23 -2.17 0.55 -3.88
C GLY A 23 -2.08 2.06 -3.99
N SER A 24 -3.13 2.69 -4.51
CA SER A 24 -3.16 4.13 -4.67
C SER A 24 -4.45 4.71 -4.12
N GLY A 25 -4.66 6.00 -4.37
CA GLY A 25 -5.87 6.66 -3.89
C GLY A 25 -5.67 7.29 -2.52
N PRO A 26 -6.70 8.06 -2.06
CA PRO A 26 -6.62 8.71 -0.76
C PRO A 26 -6.81 7.71 0.37
N ALA A 27 -7.45 6.60 0.04
CA ALA A 27 -7.70 5.55 1.01
C ALA A 27 -6.47 4.67 1.21
N TYR A 28 -5.42 4.96 0.45
CA TYR A 28 -4.18 4.19 0.55
C TYR A 28 -3.03 5.09 0.99
N CYS A 29 -3.00 6.31 0.46
CA CYS A 29 -1.95 7.26 0.80
C CYS A 29 -2.40 8.19 1.92
N GLY A 30 -3.72 8.35 2.05
CA GLY A 30 -4.26 9.21 3.09
C GLY A 30 -4.23 10.68 2.71
N ALA A 1 -3.00 -10.06 -6.48
CA ALA A 1 -3.22 -8.99 -7.44
C ALA A 1 -2.67 -7.67 -6.92
N ALA A 2 -3.19 -7.22 -5.78
CA ALA A 2 -2.75 -5.97 -5.17
C ALA A 2 -1.32 -6.08 -4.66
N GLY A 3 -1.13 -6.86 -3.60
CA GLY A 3 0.19 -7.03 -3.03
C GLY A 3 0.31 -6.42 -1.64
N GLN A 4 0.96 -7.15 -0.74
CA GLN A 4 1.15 -6.69 0.63
C GLN A 4 2.44 -5.89 0.76
N CYS A 5 2.39 -4.85 1.60
CA CYS A 5 3.56 -4.00 1.82
C CYS A 5 4.66 -4.77 2.54
N TYR A 6 5.79 -4.11 2.76
CA TYR A 6 6.93 -4.73 3.43
C TYR A 6 7.48 -3.81 4.52
N ARG A 7 7.02 -4.02 5.76
CA ARG A 7 7.46 -3.21 6.88
C ARG A 7 7.42 -1.73 6.54
N GLY A 8 6.43 -1.33 5.75
CA GLY A 8 6.30 0.06 5.36
C GLY A 8 6.92 0.34 4.00
N ARG A 9 7.14 -0.72 3.23
CA ARG A 9 7.73 -0.57 1.90
C ARG A 9 6.86 -1.23 0.84
N CYS A 10 6.25 -0.41 -0.01
CA CYS A 10 5.38 -0.91 -1.07
C CYS A 10 6.08 -0.84 -2.42
N SER A 11 5.39 -1.25 -3.47
CA SER A 11 5.94 -1.24 -4.82
C SER A 11 6.13 0.18 -5.32
N GLY A 12 7.31 0.47 -5.87
CA GLY A 12 7.59 1.80 -6.37
C GLY A 12 7.28 2.89 -5.36
N GLY A 13 6.23 3.67 -5.63
CA GLY A 13 5.87 4.74 -4.73
C GLY A 13 4.40 4.68 -4.34
N LEU A 14 3.87 3.47 -4.23
CA LEU A 14 2.47 3.28 -3.86
C LEU A 14 2.26 3.54 -2.38
N CYS A 15 1.00 3.46 -1.94
CA CYS A 15 0.67 3.70 -0.54
C CYS A 15 0.17 2.41 0.12
N CYS A 16 0.41 2.28 1.42
CA CYS A 16 -0.01 1.10 2.16
C CYS A 16 -1.43 1.27 2.70
N SER A 17 -2.29 0.31 2.39
CA SER A 17 -3.67 0.35 2.84
C SER A 17 -3.81 -0.14 4.27
N LYS A 18 -4.98 0.06 4.86
CA LYS A 18 -5.23 -0.36 6.23
C LYS A 18 -5.28 -1.88 6.35
N TYR A 19 -5.29 -2.55 5.19
CA TYR A 19 -5.32 -4.00 5.16
C TYR A 19 -3.94 -4.58 4.90
N GLY A 20 -2.94 -3.71 4.86
CA GLY A 20 -1.58 -4.14 4.61
C GLY A 20 -1.29 -4.34 3.14
N TYR A 21 -2.23 -3.93 2.29
CA TYR A 21 -2.07 -4.07 0.85
C TYR A 21 -1.75 -2.72 0.20
N CYS A 22 -0.80 -2.74 -0.73
CA CYS A 22 -0.40 -1.53 -1.43
C CYS A 22 -1.42 -1.13 -2.49
N GLY A 23 -1.46 0.16 -2.82
CA GLY A 23 -2.40 0.65 -3.81
C GLY A 23 -2.40 2.15 -3.92
N SER A 24 -3.48 2.71 -4.44
CA SER A 24 -3.60 4.15 -4.61
C SER A 24 -4.93 4.66 -4.07
N GLY A 25 -5.22 5.93 -4.33
CA GLY A 25 -6.47 6.52 -3.85
C GLY A 25 -6.33 7.16 -2.49
N PRO A 26 -7.41 7.85 -2.04
CA PRO A 26 -7.38 8.52 -0.74
C PRO A 26 -7.51 7.50 0.40
N ALA A 27 -8.08 6.35 0.05
CA ALA A 27 -8.27 5.27 1.02
C ALA A 27 -6.98 4.49 1.24
N TYR A 28 -5.94 4.84 0.48
CA TYR A 28 -4.66 4.17 0.59
C TYR A 28 -3.58 5.14 1.04
N CYS A 29 -3.63 6.36 0.51
CA CYS A 29 -2.65 7.39 0.85
C CYS A 29 -3.17 8.28 1.98
N GLY A 30 -4.49 8.36 2.10
CA GLY A 30 -5.09 9.17 3.13
C GLY A 30 -5.16 10.64 2.75
N ALA A 1 -6.38 -9.30 -5.96
CA ALA A 1 -4.98 -9.19 -6.35
C ALA A 1 -4.44 -7.80 -6.05
N ALA A 2 -3.36 -7.73 -5.27
CA ALA A 2 -2.75 -6.47 -4.91
C ALA A 2 -1.33 -6.67 -4.37
N GLY A 3 -1.24 -7.25 -3.19
CA GLY A 3 0.06 -7.50 -2.58
C GLY A 3 0.15 -6.94 -1.18
N GLN A 4 0.76 -7.72 -0.28
CA GLN A 4 0.91 -7.30 1.11
C GLN A 4 2.22 -6.55 1.32
N CYS A 5 2.18 -5.53 2.17
CA CYS A 5 3.37 -4.73 2.45
C CYS A 5 4.41 -5.54 3.21
N TYR A 6 5.68 -5.19 3.03
CA TYR A 6 6.78 -5.89 3.69
C TYR A 6 7.38 -5.03 4.78
N ARG A 7 7.35 -5.53 6.01
CA ARG A 7 7.91 -4.81 7.15
C ARG A 7 7.42 -3.36 7.17
N GLY A 8 6.19 -3.15 6.72
CA GLY A 8 5.63 -1.82 6.69
C GLY A 8 6.20 -0.98 5.56
N ARG A 9 6.48 -1.62 4.43
CA ARG A 9 7.02 -0.94 3.27
C ARG A 9 6.52 -1.56 1.97
N CYS A 10 6.32 -0.72 0.96
CA CYS A 10 5.83 -1.18 -0.34
C CYS A 10 6.68 -0.61 -1.47
N SER A 11 7.00 -1.46 -2.44
CA SER A 11 7.80 -1.03 -3.58
C SER A 11 6.96 -0.22 -4.56
N GLY A 12 7.55 0.10 -5.71
CA GLY A 12 6.86 0.88 -6.72
C GLY A 12 6.34 2.19 -6.18
N GLY A 13 6.97 2.68 -5.11
CA GLY A 13 6.56 3.93 -4.52
C GLY A 13 5.09 3.94 -4.14
N LEU A 14 4.53 2.76 -3.92
CA LEU A 14 3.13 2.63 -3.55
C LEU A 14 2.93 2.93 -2.07
N CYS A 15 1.68 2.88 -1.62
CA CYS A 15 1.35 3.14 -0.22
C CYS A 15 0.72 1.92 0.43
N CYS A 16 0.91 1.79 1.74
CA CYS A 16 0.36 0.67 2.48
C CYS A 16 -1.06 0.97 2.96
N SER A 17 -1.99 0.08 2.64
CA SER A 17 -3.38 0.25 3.03
C SER A 17 -3.60 -0.21 4.47
N LYS A 18 -4.78 0.10 5.01
CA LYS A 18 -5.12 -0.28 6.38
C LYS A 18 -5.29 -1.78 6.50
N TYR A 19 -5.32 -2.47 5.36
CA TYR A 19 -5.49 -3.92 5.34
C TYR A 19 -4.15 -4.61 5.12
N GLY A 20 -3.07 -3.84 5.12
CA GLY A 20 -1.75 -4.39 4.92
C GLY A 20 -1.43 -4.64 3.46
N TYR A 21 -2.30 -4.15 2.58
CA TYR A 21 -2.11 -4.32 1.14
C TYR A 21 -1.65 -3.02 0.50
N CYS A 22 -0.68 -3.13 -0.41
CA CYS A 22 -0.15 -1.97 -1.10
C CYS A 22 -1.10 -1.50 -2.20
N GLY A 23 -1.02 -0.22 -2.54
CA GLY A 23 -1.89 0.33 -3.56
C GLY A 23 -1.75 1.83 -3.70
N SER A 24 -2.77 2.47 -4.26
CA SER A 24 -2.75 3.92 -4.45
C SER A 24 -4.04 4.54 -3.96
N GLY A 25 -4.21 5.83 -4.23
CA GLY A 25 -5.42 6.53 -3.81
C GLY A 25 -5.26 7.19 -2.44
N PRO A 26 -6.28 7.98 -2.03
CA PRO A 26 -6.23 8.66 -0.75
C PRO A 26 -6.48 7.68 0.40
N ALA A 27 -7.14 6.58 0.07
CA ALA A 27 -7.45 5.54 1.05
C ALA A 27 -6.25 4.65 1.31
N TYR A 28 -5.16 4.89 0.57
CA TYR A 28 -3.94 4.11 0.73
C TYR A 28 -2.79 4.98 1.19
N CYS A 29 -2.71 6.19 0.64
CA CYS A 29 -1.65 7.13 1.00
C CYS A 29 -2.13 8.09 2.10
N GLY A 30 -3.44 8.28 2.18
CA GLY A 30 -4.00 9.17 3.19
C GLY A 30 -4.13 8.50 4.54
N ALA A 1 -3.56 -9.82 -6.36
CA ALA A 1 -4.66 -8.85 -6.42
C ALA A 1 -4.13 -7.42 -6.36
N ALA A 2 -3.10 -7.21 -5.53
CA ALA A 2 -2.50 -5.90 -5.38
C ALA A 2 -1.07 -6.00 -4.86
N GLY A 3 -0.90 -6.67 -3.72
CA GLY A 3 0.42 -6.83 -3.14
C GLY A 3 0.46 -6.43 -1.68
N GLN A 4 1.14 -7.22 -0.86
CA GLN A 4 1.24 -6.95 0.57
C GLN A 4 2.46 -6.08 0.86
N CYS A 5 2.31 -5.13 1.77
CA CYS A 5 3.39 -4.23 2.14
C CYS A 5 4.51 -4.99 2.87
N TYR A 6 5.63 -4.32 3.10
CA TYR A 6 6.75 -4.93 3.78
C TYR A 6 7.29 -4.01 4.88
N ARG A 7 6.96 -4.34 6.12
CA ARG A 7 7.40 -3.55 7.26
C ARG A 7 7.16 -2.06 7.01
N GLY A 8 6.07 -1.74 6.32
CA GLY A 8 5.76 -0.36 6.03
C GLY A 8 6.34 0.11 4.71
N ARG A 9 6.62 -0.85 3.82
CA ARG A 9 7.19 -0.52 2.52
C ARG A 9 6.32 -1.08 1.39
N CYS A 10 6.44 -0.49 0.21
CA CYS A 10 5.67 -0.92 -0.95
C CYS A 10 6.43 -0.67 -2.24
N SER A 11 5.96 -1.28 -3.32
CA SER A 11 6.60 -1.12 -4.63
C SER A 11 6.03 0.09 -5.37
N GLY A 12 6.78 0.56 -6.36
CA GLY A 12 6.34 1.71 -7.14
C GLY A 12 5.98 2.90 -6.27
N GLY A 13 6.65 3.02 -5.13
CA GLY A 13 6.39 4.12 -4.22
C GLY A 13 4.91 4.24 -3.88
N LEU A 14 4.21 3.11 -3.86
CA LEU A 14 2.79 3.10 -3.55
C LEU A 14 2.56 3.31 -2.05
N CYS A 15 1.29 3.36 -1.66
CA CYS A 15 0.93 3.56 -0.26
C CYS A 15 0.35 2.28 0.34
N CYS A 16 0.57 2.09 1.64
CA CYS A 16 0.07 0.91 2.33
C CYS A 16 -1.37 1.13 2.80
N SER A 17 -2.24 0.19 2.44
CA SER A 17 -3.64 0.28 2.82
C SER A 17 -3.85 -0.24 4.24
N LYS A 18 -5.05 -0.02 4.77
CA LYS A 18 -5.38 -0.46 6.13
C LYS A 18 -5.49 -1.98 6.18
N TYR A 19 -5.47 -2.62 5.02
CA TYR A 19 -5.57 -4.07 4.94
C TYR A 19 -4.19 -4.70 4.74
N GLY A 20 -3.16 -3.85 4.74
CA GLY A 20 -1.80 -4.34 4.54
C GLY A 20 -1.44 -4.51 3.09
N TYR A 21 -2.32 -4.03 2.20
CA TYR A 21 -2.08 -4.14 0.77
C TYR A 21 -1.70 -2.78 0.17
N CYS A 22 -0.70 -2.79 -0.71
CA CYS A 22 -0.24 -1.56 -1.35
C CYS A 22 -1.20 -1.12 -2.44
N GLY A 23 -1.21 0.18 -2.74
CA GLY A 23 -2.08 0.71 -3.75
C GLY A 23 -2.04 2.22 -3.84
N SER A 24 -3.10 2.82 -4.38
CA SER A 24 -3.17 4.26 -4.53
C SER A 24 -4.50 4.80 -4.02
N GLY A 25 -4.75 6.08 -4.24
CA GLY A 25 -5.99 6.69 -3.81
C GLY A 25 -5.88 7.30 -2.42
N PRO A 26 -6.94 8.01 -1.99
CA PRO A 26 -6.94 8.64 -0.67
C PRO A 26 -7.14 7.60 0.43
N ALA A 27 -7.74 6.48 0.04
CA ALA A 27 -7.99 5.39 0.98
C ALA A 27 -6.74 4.56 1.23
N TYR A 28 -5.67 4.89 0.51
CA TYR A 28 -4.41 4.17 0.64
C TYR A 28 -3.31 5.11 1.16
N CYS A 29 -3.30 6.33 0.65
CA CYS A 29 -2.31 7.32 1.05
C CYS A 29 -2.84 8.21 2.18
N GLY A 30 -4.16 8.31 2.25
CA GLY A 30 -4.78 9.14 3.28
C GLY A 30 -4.85 10.59 2.89
N ALA A 1 -3.67 -10.36 -5.43
CA ALA A 1 -4.70 -9.33 -5.30
C ALA A 1 -4.11 -7.94 -5.50
N ALA A 2 -3.03 -7.64 -4.78
CA ALA A 2 -2.36 -6.35 -4.88
C ALA A 2 -0.92 -6.43 -4.37
N GLY A 3 -0.76 -6.98 -3.17
CA GLY A 3 0.56 -7.10 -2.59
C GLY A 3 0.66 -6.48 -1.21
N GLN A 4 1.33 -7.17 -0.29
CA GLN A 4 1.47 -6.68 1.07
C GLN A 4 2.74 -5.82 1.20
N CYS A 5 2.65 -4.75 1.99
CA CYS A 5 3.78 -3.87 2.20
C CYS A 5 4.89 -4.56 2.99
N TYR A 6 5.98 -3.86 3.22
CA TYR A 6 7.11 -4.41 3.96
C TYR A 6 7.59 -3.44 5.02
N ARG A 7 7.09 -3.60 6.24
CA ARG A 7 7.46 -2.74 7.35
C ARG A 7 7.40 -1.27 6.94
N GLY A 8 6.43 -0.93 6.09
CA GLY A 8 6.29 0.44 5.64
C GLY A 8 6.95 0.68 4.29
N ARG A 9 7.24 -0.41 3.57
CA ARG A 9 7.87 -0.32 2.27
C ARG A 9 7.04 -1.02 1.20
N CYS A 10 6.46 -0.24 0.29
CA CYS A 10 5.64 -0.79 -0.78
C CYS A 10 6.40 -0.78 -2.11
N SER A 11 5.74 -1.24 -3.16
CA SER A 11 6.35 -1.29 -4.48
C SER A 11 6.50 0.11 -5.06
N GLY A 12 7.68 0.41 -5.60
CA GLY A 12 7.93 1.71 -6.17
C GLY A 12 7.58 2.84 -5.23
N GLY A 13 6.52 3.58 -5.56
CA GLY A 13 6.10 4.69 -4.72
C GLY A 13 4.62 4.60 -4.35
N LEU A 14 4.12 3.38 -4.20
CA LEU A 14 2.72 3.17 -3.84
C LEU A 14 2.47 3.50 -2.38
N CYS A 15 1.21 3.41 -1.96
CA CYS A 15 0.84 3.68 -0.58
C CYS A 15 0.34 2.42 0.11
N CYS A 16 0.57 2.34 1.42
CA CYS A 16 0.14 1.19 2.20
C CYS A 16 -1.29 1.36 2.69
N SER A 17 -2.14 0.37 2.41
CA SER A 17 -3.54 0.42 2.82
C SER A 17 -3.69 0.00 4.28
N LYS A 18 -4.89 0.21 4.82
CA LYS A 18 -5.17 -0.16 6.20
C LYS A 18 -5.21 -1.66 6.37
N TYR A 19 -5.19 -2.39 5.26
CA TYR A 19 -5.21 -3.84 5.29
C TYR A 19 -3.82 -4.42 5.11
N GLY A 20 -2.82 -3.54 5.01
CA GLY A 20 -1.45 -3.98 4.83
C GLY A 20 -1.11 -4.22 3.37
N TYR A 21 -2.02 -3.87 2.49
CA TYR A 21 -1.81 -4.05 1.06
C TYR A 21 -1.49 -2.73 0.36
N CYS A 22 -0.51 -2.76 -0.53
CA CYS A 22 -0.11 -1.56 -1.27
C CYS A 22 -1.11 -1.25 -2.37
N GLY A 23 -1.16 0.03 -2.76
CA GLY A 23 -2.07 0.45 -3.81
C GLY A 23 -2.09 1.95 -4.00
N SER A 24 -3.17 2.46 -4.58
CA SER A 24 -3.31 3.89 -4.81
C SER A 24 -4.66 4.40 -4.33
N GLY A 25 -4.97 5.66 -4.66
CA GLY A 25 -6.23 6.24 -4.25
C GLY A 25 -6.14 6.94 -2.90
N PRO A 26 -7.24 7.63 -2.51
CA PRO A 26 -7.26 8.35 -1.24
C PRO A 26 -7.40 7.38 -0.06
N ALA A 27 -7.94 6.21 -0.37
CA ALA A 27 -8.15 5.17 0.63
C ALA A 27 -6.85 4.43 0.92
N TYR A 28 -5.81 4.75 0.18
CA TYR A 28 -4.50 4.12 0.36
C TYR A 28 -3.45 5.13 0.79
N CYS A 29 -3.50 6.32 0.20
CA CYS A 29 -2.56 7.38 0.53
C CYS A 29 -3.13 8.31 1.58
N GLY A 30 -4.45 8.36 1.67
CA GLY A 30 -5.10 9.22 2.65
C GLY A 30 -5.18 8.57 4.02
N ALA A 1 -1.63 -1.98 -7.27
CA ALA A 1 -2.08 -2.97 -6.31
C ALA A 1 -1.49 -4.34 -6.61
N ALA A 2 -0.24 -4.54 -6.21
CA ALA A 2 0.44 -5.82 -6.44
C ALA A 2 0.09 -6.83 -5.35
N GLY A 3 0.67 -6.66 -4.17
CA GLY A 3 0.41 -7.56 -3.06
C GLY A 3 0.34 -6.85 -1.73
N GLN A 4 0.96 -7.43 -0.71
CA GLN A 4 0.96 -6.84 0.61
C GLN A 4 2.15 -5.91 0.80
N CYS A 5 2.15 -5.16 1.90
CA CYS A 5 3.23 -4.22 2.19
C CYS A 5 4.42 -4.96 2.81
N TYR A 6 5.54 -4.24 2.94
CA TYR A 6 6.74 -4.83 3.52
C TYR A 6 7.34 -3.90 4.58
N ARG A 7 7.18 -4.28 5.84
CA ARG A 7 7.70 -3.48 6.94
C ARG A 7 7.33 -2.00 6.77
N GLY A 8 6.14 -1.76 6.24
CA GLY A 8 5.69 -0.39 6.03
C GLY A 8 6.21 0.20 4.73
N ARG A 9 6.47 -0.66 3.75
CA ARG A 9 6.98 -0.21 2.46
C ARG A 9 6.45 -1.09 1.34
N CYS A 10 5.78 -0.47 0.38
CA CYS A 10 5.22 -1.20 -0.76
C CYS A 10 6.08 -1.00 -2.01
N SER A 11 5.82 -1.82 -3.03
CA SER A 11 6.57 -1.73 -4.28
C SER A 11 5.82 -0.90 -5.30
N GLY A 12 6.46 -0.66 -6.44
CA GLY A 12 5.83 0.12 -7.49
C GLY A 12 5.42 1.51 -7.03
N GLY A 13 6.06 1.98 -5.96
CA GLY A 13 5.75 3.29 -5.43
C GLY A 13 4.31 3.41 -4.97
N LEU A 14 3.69 2.26 -4.71
CA LEU A 14 2.30 2.23 -4.26
C LEU A 14 2.20 2.65 -2.79
N CYS A 15 0.97 2.74 -2.29
CA CYS A 15 0.73 3.13 -0.90
C CYS A 15 0.22 1.94 -0.08
N CYS A 16 0.58 1.93 1.20
CA CYS A 16 0.16 0.86 2.09
C CYS A 16 -1.22 1.14 2.67
N SER A 17 -2.14 0.19 2.51
CA SER A 17 -3.50 0.36 3.03
C SER A 17 -3.56 -0.01 4.51
N LYS A 18 -4.69 0.31 5.14
CA LYS A 18 -4.88 0.03 6.55
C LYS A 18 -5.00 -1.47 6.80
N TYR A 19 -5.11 -2.23 5.71
CA TYR A 19 -5.23 -3.69 5.81
C TYR A 19 -3.89 -4.37 5.54
N GLY A 20 -2.86 -3.56 5.33
CA GLY A 20 -1.53 -4.09 5.06
C GLY A 20 -1.34 -4.43 3.59
N TYR A 21 -2.30 -4.04 2.76
CA TYR A 21 -2.23 -4.31 1.33
C TYR A 21 -1.90 -3.04 0.54
N CYS A 22 -1.02 -3.19 -0.45
CA CYS A 22 -0.62 -2.05 -1.27
C CYS A 22 -1.71 -1.69 -2.27
N GLY A 23 -1.72 -0.43 -2.69
CA GLY A 23 -2.70 0.02 -3.66
C GLY A 23 -2.64 1.52 -3.90
N SER A 24 -3.73 2.09 -4.40
CA SER A 24 -3.80 3.51 -4.68
C SER A 24 -5.05 4.14 -4.08
N GLY A 25 -5.30 5.40 -4.41
CA GLY A 25 -6.47 6.08 -3.91
C GLY A 25 -6.20 6.84 -2.62
N PRO A 26 -7.19 7.63 -2.15
CA PRO A 26 -7.03 8.40 -0.92
C PRO A 26 -7.11 7.50 0.30
N ALA A 27 -7.77 6.36 0.12
CA ALA A 27 -7.93 5.39 1.20
C ALA A 27 -6.68 4.55 1.38
N TYR A 28 -5.70 4.77 0.51
CA TYR A 28 -4.44 4.03 0.57
C TYR A 28 -3.26 4.96 0.84
N CYS A 29 -3.30 6.14 0.22
CA CYS A 29 -2.24 7.12 0.40
C CYS A 29 -2.61 8.13 1.48
N GLY A 30 -3.92 8.30 1.69
CA GLY A 30 -4.38 9.24 2.70
C GLY A 30 -4.38 8.65 4.10
N ALA A 1 -4.56 -9.48 -2.45
CA ALA A 1 -4.23 -9.85 -3.83
C ALA A 1 -3.42 -8.76 -4.50
N ALA A 2 -3.68 -7.51 -4.13
CA ALA A 2 -2.97 -6.38 -4.70
C ALA A 2 -1.49 -6.41 -4.33
N GLY A 3 -1.19 -6.95 -3.16
CA GLY A 3 0.18 -7.03 -2.71
C GLY A 3 0.35 -6.58 -1.27
N GLN A 4 1.15 -7.32 -0.51
CA GLN A 4 1.39 -6.99 0.89
C GLN A 4 2.60 -6.07 1.03
N CYS A 5 2.46 -5.07 1.90
CA CYS A 5 3.53 -4.11 2.12
C CYS A 5 4.72 -4.78 2.81
N TYR A 6 5.91 -4.20 2.63
CA TYR A 6 7.12 -4.74 3.22
C TYR A 6 7.59 -3.87 4.38
N ARG A 7 7.67 -4.46 5.57
CA ARG A 7 8.11 -3.74 6.76
C ARG A 7 7.38 -2.40 6.88
N GLY A 8 6.11 -2.38 6.47
CA GLY A 8 5.32 -1.16 6.55
C GLY A 8 5.71 -0.16 5.47
N ARG A 9 6.10 -0.68 4.31
CA ARG A 9 6.48 0.17 3.19
C ARG A 9 6.27 -0.54 1.86
N CYS A 10 5.70 0.18 0.90
CA CYS A 10 5.43 -0.38 -0.42
C CYS A 10 6.48 0.07 -1.43
N SER A 11 6.36 -0.43 -2.66
CA SER A 11 7.31 -0.08 -3.71
C SER A 11 7.24 1.40 -4.04
N GLY A 12 8.37 1.97 -4.43
CA GLY A 12 8.42 3.39 -4.78
C GLY A 12 7.36 3.77 -5.78
N GLY A 13 6.29 4.38 -5.31
CA GLY A 13 5.21 4.79 -6.19
C GLY A 13 3.84 4.44 -5.64
N LEU A 14 3.74 3.30 -4.97
CA LEU A 14 2.49 2.86 -4.38
C LEU A 14 2.38 3.29 -2.93
N CYS A 15 1.21 3.04 -2.33
CA CYS A 15 0.98 3.40 -0.95
C CYS A 15 0.43 2.22 -0.15
N CYS A 16 0.77 2.17 1.13
CA CYS A 16 0.32 1.07 2.00
C CYS A 16 -1.07 1.37 2.57
N SER A 17 -1.99 0.42 2.38
CA SER A 17 -3.35 0.58 2.87
C SER A 17 -3.45 0.22 4.34
N LYS A 18 -4.59 0.52 4.94
CA LYS A 18 -4.82 0.24 6.36
C LYS A 18 -4.92 -1.27 6.60
N TYR A 19 -5.01 -2.03 5.51
CA TYR A 19 -5.12 -3.48 5.60
C TYR A 19 -3.77 -4.15 5.35
N GLY A 20 -2.74 -3.33 5.19
CA GLY A 20 -1.41 -3.86 4.94
C GLY A 20 -1.19 -4.19 3.48
N TYR A 21 -2.12 -3.79 2.62
CA TYR A 21 -2.02 -4.05 1.20
C TYR A 21 -1.67 -2.78 0.43
N CYS A 22 -0.75 -2.90 -0.52
CA CYS A 22 -0.33 -1.77 -1.33
C CYS A 22 -1.39 -1.42 -2.38
N GLY A 23 -1.36 -0.18 -2.85
CA GLY A 23 -2.31 0.26 -3.85
C GLY A 23 -2.25 1.75 -4.10
N SER A 24 -3.35 2.30 -4.62
CA SER A 24 -3.40 3.74 -4.92
C SER A 24 -4.69 4.34 -4.37
N GLY A 25 -4.93 5.61 -4.72
CA GLY A 25 -6.13 6.28 -4.26
C GLY A 25 -5.90 7.03 -2.96
N PRO A 26 -6.93 7.81 -2.52
CA PRO A 26 -6.83 8.57 -1.30
C PRO A 26 -6.96 7.66 -0.08
N ALA A 27 -7.58 6.51 -0.30
CA ALA A 27 -7.79 5.53 0.76
C ALA A 27 -6.52 4.71 1.00
N TYR A 28 -5.50 4.94 0.18
CA TYR A 28 -4.24 4.22 0.31
C TYR A 28 -3.10 5.19 0.63
N CYS A 29 -3.13 6.36 -0.01
CA CYS A 29 -2.09 7.36 0.21
C CYS A 29 -2.53 8.37 1.25
N GLY A 30 -3.84 8.51 1.42
CA GLY A 30 -4.38 9.45 2.40
C GLY A 30 -4.40 10.87 1.87
N ALA A 1 -4.53 -9.05 -8.62
CA ALA A 1 -4.03 -9.08 -7.25
C ALA A 1 -3.46 -7.72 -6.85
N ALA A 2 -3.69 -7.33 -5.60
CA ALA A 2 -3.21 -6.05 -5.10
C ALA A 2 -1.74 -6.15 -4.69
N GLY A 3 -1.49 -6.85 -3.59
CA GLY A 3 -0.13 -7.02 -3.11
C GLY A 3 0.01 -6.66 -1.64
N GLN A 4 0.76 -7.48 -0.90
CA GLN A 4 0.97 -7.24 0.53
C GLN A 4 2.19 -6.37 0.76
N CYS A 5 2.07 -5.42 1.68
CA CYS A 5 3.17 -4.52 2.00
C CYS A 5 4.32 -5.27 2.67
N TYR A 6 5.53 -4.73 2.55
CA TYR A 6 6.70 -5.34 3.15
C TYR A 6 7.17 -4.55 4.37
N ARG A 7 7.20 -5.22 5.51
CA ARG A 7 7.64 -4.57 6.76
C ARG A 7 6.96 -3.22 6.93
N GLY A 8 5.70 -3.13 6.50
CA GLY A 8 4.97 -1.89 6.61
C GLY A 8 5.41 -0.85 5.61
N ARG A 9 5.80 -1.31 4.42
CA ARG A 9 6.25 -0.40 3.37
C ARG A 9 6.03 -1.03 1.99
N CYS A 10 5.54 -0.22 1.05
CA CYS A 10 5.29 -0.69 -0.31
C CYS A 10 6.38 -0.23 -1.25
N SER A 11 6.27 -0.64 -2.52
CA SER A 11 7.27 -0.27 -3.52
C SER A 11 7.24 1.23 -3.77
N GLY A 12 8.40 1.79 -4.11
CA GLY A 12 8.50 3.21 -4.37
C GLY A 12 7.47 3.69 -5.38
N GLY A 13 6.41 4.31 -4.88
CA GLY A 13 5.36 4.81 -5.77
C GLY A 13 3.97 4.47 -5.26
N LEU A 14 3.84 3.30 -4.66
CA LEU A 14 2.55 2.85 -4.13
C LEU A 14 2.41 3.21 -2.65
N CYS A 15 1.23 2.95 -2.09
CA CYS A 15 0.97 3.25 -0.70
C CYS A 15 0.37 2.03 0.01
N CYS A 16 0.67 1.89 1.29
CA CYS A 16 0.16 0.78 2.09
C CYS A 16 -1.24 1.09 2.63
N SER A 17 -2.17 0.19 2.36
CA SER A 17 -3.55 0.37 2.82
C SER A 17 -3.70 -0.07 4.28
N LYS A 18 -4.85 0.24 4.86
CA LYS A 18 -5.12 -0.12 6.26
C LYS A 18 -5.29 -1.63 6.40
N TYR A 19 -5.37 -2.32 5.26
CA TYR A 19 -5.54 -3.77 5.27
C TYR A 19 -4.22 -4.47 5.01
N GLY A 20 -3.15 -3.69 4.92
CA GLY A 20 -1.83 -4.25 4.68
C GLY A 20 -1.57 -4.51 3.21
N TYR A 21 -2.47 -4.02 2.36
CA TYR A 21 -2.34 -4.20 0.92
C TYR A 21 -1.92 -2.90 0.24
N CYS A 22 -0.98 -3.00 -0.70
CA CYS A 22 -0.50 -1.83 -1.43
C CYS A 22 -1.50 -1.39 -2.48
N GLY A 23 -1.42 -0.12 -2.87
CA GLY A 23 -2.33 0.41 -3.87
C GLY A 23 -2.21 1.91 -4.03
N SER A 24 -3.27 2.53 -4.54
CA SER A 24 -3.28 3.98 -4.76
C SER A 24 -4.55 4.61 -4.21
N GLY A 25 -4.75 5.88 -4.49
CA GLY A 25 -5.93 6.58 -4.02
C GLY A 25 -5.71 7.24 -2.68
N PRO A 26 -6.72 8.03 -2.22
CA PRO A 26 -6.62 8.72 -0.94
C PRO A 26 -6.82 7.73 0.22
N ALA A 27 -7.47 6.62 -0.09
CA ALA A 27 -7.74 5.59 0.91
C ALA A 27 -6.51 4.72 1.13
N TYR A 28 -5.47 4.96 0.35
CA TYR A 28 -4.24 4.20 0.47
C TYR A 28 -3.07 5.10 0.87
N CYS A 29 -3.03 6.29 0.30
CA CYS A 29 -1.97 7.24 0.60
C CYS A 29 -2.41 8.21 1.70
N GLY A 30 -3.72 8.39 1.84
CA GLY A 30 -4.24 9.28 2.85
C GLY A 30 -4.20 10.74 2.42
N ALA A 1 -5.27 -9.57 -5.76
CA ALA A 1 -3.93 -9.47 -6.32
C ALA A 1 -3.32 -8.10 -6.03
N ALA A 2 -3.63 -7.54 -4.87
CA ALA A 2 -3.10 -6.24 -4.48
C ALA A 2 -1.64 -6.32 -4.10
N GLY A 3 -1.35 -6.98 -2.99
CA GLY A 3 0.01 -7.13 -2.53
C GLY A 3 0.19 -6.71 -1.08
N GLN A 4 0.97 -7.49 -0.33
CA GLN A 4 1.21 -7.19 1.08
C GLN A 4 2.45 -6.31 1.24
N CYS A 5 2.34 -5.32 2.11
CA CYS A 5 3.45 -4.40 2.36
C CYS A 5 4.61 -5.12 3.05
N TYR A 6 5.81 -4.58 2.88
CA TYR A 6 7.00 -5.18 3.47
C TYR A 6 7.51 -4.33 4.64
N ARG A 7 7.55 -4.94 5.83
CA ARG A 7 8.01 -4.24 7.03
C ARG A 7 7.34 -2.88 7.15
N GLY A 8 6.07 -2.81 6.74
CA GLY A 8 5.34 -1.56 6.82
C GLY A 8 5.77 -0.57 5.75
N ARG A 9 6.13 -1.08 4.58
CA ARG A 9 6.56 -0.24 3.47
C ARG A 9 6.33 -0.94 2.14
N CYS A 10 5.79 -0.18 1.18
CA CYS A 10 5.50 -0.72 -0.14
C CYS A 10 6.58 -0.31 -1.15
N SER A 11 6.45 -0.78 -2.38
CA SER A 11 7.42 -0.47 -3.43
C SER A 11 7.40 1.02 -3.74
N GLY A 12 8.57 1.55 -4.13
CA GLY A 12 8.66 2.96 -4.46
C GLY A 12 7.61 3.39 -5.48
N GLY A 13 6.56 4.05 -4.99
CA GLY A 13 5.51 4.51 -5.88
C GLY A 13 4.12 4.20 -5.33
N LEU A 14 3.99 3.07 -4.67
CA LEU A 14 2.71 2.66 -4.09
C LEU A 14 2.61 3.09 -2.63
N CYS A 15 1.44 2.87 -2.04
CA CYS A 15 1.22 3.23 -0.64
C CYS A 15 0.62 2.06 0.13
N CYS A 16 0.96 1.97 1.41
CA CYS A 16 0.45 0.91 2.26
C CYS A 16 -0.93 1.25 2.83
N SER A 17 -1.88 0.34 2.64
CA SER A 17 -3.23 0.55 3.12
C SER A 17 -3.35 0.19 4.60
N LYS A 18 -4.48 0.54 5.20
CA LYS A 18 -4.72 0.25 6.61
C LYS A 18 -4.90 -1.25 6.83
N TYR A 19 -5.01 -2.00 5.75
CA TYR A 19 -5.19 -3.44 5.82
C TYR A 19 -3.88 -4.17 5.58
N GLY A 20 -2.81 -3.40 5.40
CA GLY A 20 -1.51 -3.99 5.16
C GLY A 20 -1.28 -4.31 3.69
N TYR A 21 -2.20 -3.87 2.84
CA TYR A 21 -2.09 -4.13 1.41
C TYR A 21 -1.69 -2.86 0.66
N CYS A 22 -0.77 -3.00 -0.29
CA CYS A 22 -0.30 -1.87 -1.08
C CYS A 22 -1.33 -1.48 -2.13
N GLY A 23 -1.26 -0.23 -2.59
CA GLY A 23 -2.19 0.25 -3.59
C GLY A 23 -2.06 1.75 -3.84
N SER A 24 -3.13 2.36 -4.35
CA SER A 24 -3.13 3.78 -4.64
C SER A 24 -4.38 4.44 -4.09
N GLY A 25 -4.58 5.71 -4.44
CA GLY A 25 -5.75 6.44 -3.97
C GLY A 25 -5.50 7.15 -2.66
N PRO A 26 -6.49 7.98 -2.22
CA PRO A 26 -6.35 8.72 -0.98
C PRO A 26 -6.53 7.80 0.24
N ALA A 27 -7.20 6.68 0.00
CA ALA A 27 -7.45 5.70 1.04
C ALA A 27 -6.23 4.82 1.28
N TYR A 28 -5.20 5.03 0.47
CA TYR A 28 -3.97 4.26 0.59
C TYR A 28 -2.78 5.17 0.93
N CYS A 29 -2.75 6.33 0.30
CA CYS A 29 -1.68 7.29 0.53
C CYS A 29 -2.09 8.32 1.58
N GLY A 30 -3.39 8.51 1.75
CA GLY A 30 -3.89 9.47 2.73
C GLY A 30 -3.90 8.89 4.13
N ALA A 1 -3.55 -2.35 -6.81
CA ALA A 1 -3.12 -3.08 -5.62
C ALA A 1 -2.44 -4.39 -5.99
N ALA A 2 -1.18 -4.53 -5.59
CA ALA A 2 -0.41 -5.73 -5.88
C ALA A 2 -0.70 -6.83 -4.86
N GLY A 3 -0.11 -6.67 -3.67
CA GLY A 3 -0.31 -7.66 -2.62
C GLY A 3 -0.12 -7.07 -1.23
N GLN A 4 0.59 -7.79 -0.38
CA GLN A 4 0.84 -7.34 0.99
C GLN A 4 2.12 -6.52 1.05
N CYS A 5 2.11 -5.48 1.89
CA CYS A 5 3.27 -4.62 2.05
C CYS A 5 4.42 -5.37 2.72
N TYR A 6 5.65 -4.88 2.51
CA TYR A 6 6.82 -5.51 3.09
C TYR A 6 7.29 -4.75 4.33
N ARG A 7 7.30 -5.44 5.47
CA ARG A 7 7.71 -4.84 6.73
C ARG A 7 7.03 -3.49 6.93
N GLY A 8 5.80 -3.38 6.47
CA GLY A 8 5.05 -2.14 6.62
C GLY A 8 5.50 -1.08 5.63
N ARG A 9 5.90 -1.52 4.44
CA ARG A 9 6.36 -0.59 3.40
C ARG A 9 6.15 -1.20 2.01
N CYS A 10 5.63 -0.39 1.10
CA CYS A 10 5.39 -0.84 -0.27
C CYS A 10 6.45 -0.28 -1.22
N SER A 11 6.24 -0.52 -2.52
CA SER A 11 7.18 -0.05 -3.53
C SER A 11 6.44 0.39 -4.79
N GLY A 12 7.20 0.69 -5.84
CA GLY A 12 6.61 1.11 -7.09
C GLY A 12 5.80 2.39 -6.94
N GLY A 13 6.09 3.14 -5.88
CA GLY A 13 5.36 4.39 -5.64
C GLY A 13 3.96 4.15 -5.14
N LEU A 14 3.70 2.95 -4.63
CA LEU A 14 2.37 2.60 -4.12
C LEU A 14 2.24 2.99 -2.65
N CYS A 15 1.03 2.83 -2.11
CA CYS A 15 0.77 3.16 -0.72
C CYS A 15 0.21 1.96 0.03
N CYS A 16 0.57 1.84 1.31
CA CYS A 16 0.09 0.74 2.13
C CYS A 16 -1.29 1.02 2.70
N SER A 17 -2.22 0.09 2.47
CA SER A 17 -3.59 0.25 2.95
C SER A 17 -3.69 -0.16 4.41
N LYS A 18 -4.85 0.15 5.01
CA LYS A 18 -5.09 -0.19 6.42
C LYS A 18 -5.22 -1.69 6.61
N TYR A 19 -5.31 -2.42 5.50
CA TYR A 19 -5.44 -3.87 5.53
C TYR A 19 -4.10 -4.55 5.28
N GLY A 20 -3.05 -3.74 5.13
CA GLY A 20 -1.72 -4.28 4.89
C GLY A 20 -1.48 -4.56 3.42
N TYR A 21 -2.39 -4.12 2.57
CA TYR A 21 -2.27 -4.33 1.13
C TYR A 21 -1.91 -3.03 0.41
N CYS A 22 -0.98 -3.12 -0.52
CA CYS A 22 -0.54 -1.96 -1.28
C CYS A 22 -1.57 -1.59 -2.35
N GLY A 23 -1.56 -0.32 -2.76
CA GLY A 23 -2.49 0.14 -3.77
C GLY A 23 -2.42 1.63 -3.98
N SER A 24 -3.50 2.21 -4.50
CA SER A 24 -3.56 3.64 -4.76
C SER A 24 -4.84 4.24 -4.20
N GLY A 25 -5.09 5.51 -4.52
CA GLY A 25 -6.28 6.18 -4.04
C GLY A 25 -6.05 6.89 -2.72
N PRO A 26 -7.08 7.66 -2.26
CA PRO A 26 -6.97 8.38 -1.01
C PRO A 26 -7.11 7.43 0.19
N ALA A 27 -7.74 6.29 -0.08
CA ALA A 27 -7.96 5.28 0.95
C ALA A 27 -6.70 4.45 1.18
N TYR A 28 -5.68 4.71 0.37
CA TYR A 28 -4.42 3.98 0.48
C TYR A 28 -3.28 4.93 0.84
N CYS A 29 -3.28 6.11 0.22
CA CYS A 29 -2.25 7.11 0.48
C CYS A 29 -2.69 8.10 1.55
N GLY A 30 -4.00 8.24 1.72
CA GLY A 30 -4.53 9.14 2.72
C GLY A 30 -4.57 8.53 4.10
N ALA A 1 -1.84 -2.11 -7.34
CA ALA A 1 -1.91 -3.02 -6.20
C ALA A 1 -1.14 -4.31 -6.48
N ALA A 2 -0.89 -5.07 -5.43
CA ALA A 2 -0.17 -6.34 -5.56
C ALA A 2 -0.51 -7.29 -4.42
N GLY A 3 0.05 -7.02 -3.24
CA GLY A 3 -0.20 -7.85 -2.09
C GLY A 3 -0.03 -7.12 -0.78
N GLN A 4 0.64 -7.75 0.18
CA GLN A 4 0.87 -7.14 1.49
C GLN A 4 2.17 -6.35 1.50
N CYS A 5 2.19 -5.25 2.26
CA CYS A 5 3.38 -4.42 2.36
C CYS A 5 4.51 -5.14 3.07
N TYR A 6 5.74 -4.71 2.83
CA TYR A 6 6.91 -5.32 3.46
C TYR A 6 7.38 -4.51 4.66
N ARG A 7 7.38 -5.14 5.82
CA ARG A 7 7.80 -4.48 7.05
C ARG A 7 7.13 -3.11 7.18
N GLY A 8 5.90 -3.01 6.71
CA GLY A 8 5.18 -1.75 6.79
C GLY A 8 5.64 -0.75 5.75
N ARG A 9 6.04 -1.24 4.59
CA ARG A 9 6.52 -0.38 3.51
C ARG A 9 6.30 -1.04 2.15
N CYS A 10 5.81 -0.27 1.19
CA CYS A 10 5.56 -0.78 -0.15
C CYS A 10 6.62 -0.27 -1.13
N SER A 11 6.41 -0.56 -2.41
CA SER A 11 7.34 -0.14 -3.45
C SER A 11 6.60 0.25 -4.72
N GLY A 12 7.36 0.50 -5.79
CA GLY A 12 6.76 0.88 -7.05
C GLY A 12 5.95 2.16 -6.94
N GLY A 13 6.22 2.94 -5.91
CA GLY A 13 5.50 4.18 -5.71
C GLY A 13 4.08 3.96 -5.24
N LEU A 14 3.82 2.79 -4.66
CA LEU A 14 2.49 2.46 -4.16
C LEU A 14 2.31 2.93 -2.73
N CYS A 15 1.10 2.78 -2.21
CA CYS A 15 0.79 3.19 -0.84
C CYS A 15 0.24 2.02 -0.03
N CYS A 16 0.57 1.98 1.26
CA CYS A 16 0.12 0.91 2.14
C CYS A 16 -1.29 1.21 2.65
N SER A 17 -2.19 0.25 2.46
CA SER A 17 -3.57 0.40 2.90
C SER A 17 -3.71 0.07 4.39
N LYS A 18 -4.87 0.38 4.94
CA LYS A 18 -5.13 0.12 6.36
C LYS A 18 -5.24 -1.38 6.63
N TYR A 19 -5.29 -2.17 5.56
CA TYR A 19 -5.39 -3.61 5.67
C TYR A 19 -4.03 -4.28 5.48
N GLY A 20 -3.00 -3.45 5.30
CA GLY A 20 -1.66 -3.98 5.11
C GLY A 20 -1.38 -4.33 3.67
N TYR A 21 -2.29 -3.97 2.78
CA TYR A 21 -2.14 -4.26 1.36
C TYR A 21 -1.79 -2.99 0.59
N CYS A 22 -0.84 -3.11 -0.34
CA CYS A 22 -0.41 -1.98 -1.16
C CYS A 22 -1.42 -1.68 -2.26
N GLY A 23 -1.43 -0.44 -2.72
CA GLY A 23 -2.35 -0.05 -3.78
C GLY A 23 -2.30 1.44 -4.06
N SER A 24 -3.39 1.97 -4.63
CA SER A 24 -3.47 3.38 -4.97
C SER A 24 -4.77 3.99 -4.46
N GLY A 25 -5.02 5.23 -4.85
CA GLY A 25 -6.24 5.91 -4.42
C GLY A 25 -6.05 6.69 -3.14
N PRO A 26 -7.11 7.46 -2.74
CA PRO A 26 -7.03 8.25 -1.52
C PRO A 26 -7.17 7.36 -0.29
N ALA A 27 -7.78 6.20 -0.50
CA ALA A 27 -7.99 5.24 0.58
C ALA A 27 -6.72 4.45 0.87
N TYR A 28 -5.69 4.68 0.07
CA TYR A 28 -4.42 3.98 0.23
C TYR A 28 -3.31 4.97 0.55
N CYS A 29 -3.33 6.11 -0.11
CA CYS A 29 -2.31 7.14 0.10
C CYS A 29 -2.79 8.17 1.12
N GLY A 30 -4.10 8.30 1.26
CA GLY A 30 -4.66 9.25 2.21
C GLY A 30 -4.73 10.65 1.64
N ALA A 1 -3.41 -2.91 -6.59
CA ALA A 1 -2.98 -3.56 -5.37
C ALA A 1 -2.28 -4.89 -5.67
N ALA A 2 -1.01 -4.97 -5.30
CA ALA A 2 -0.23 -6.18 -5.53
C ALA A 2 -0.45 -7.21 -4.42
N GLY A 3 0.15 -6.96 -3.26
CA GLY A 3 0.01 -7.86 -2.14
C GLY A 3 0.16 -7.17 -0.80
N GLN A 4 0.91 -7.78 0.11
CA GLN A 4 1.12 -7.22 1.43
C GLN A 4 2.37 -6.33 1.44
N CYS A 5 2.34 -5.27 2.25
CA CYS A 5 3.45 -4.35 2.35
C CYS A 5 4.66 -5.02 3.00
N TYR A 6 5.85 -4.52 2.68
CA TYR A 6 7.08 -5.08 3.23
C TYR A 6 7.70 -4.13 4.25
N ARG A 7 7.85 -4.61 5.49
CA ARG A 7 8.42 -3.80 6.55
C ARG A 7 7.79 -2.41 6.59
N GLY A 8 6.50 -2.34 6.28
CA GLY A 8 5.79 -1.08 6.28
C GLY A 8 6.19 -0.20 5.11
N ARG A 9 6.44 -0.81 3.96
CA ARG A 9 6.84 -0.08 2.76
C ARG A 9 6.40 -0.83 1.50
N CYS A 10 5.80 -0.09 0.57
CA CYS A 10 5.34 -0.69 -0.68
C CYS A 10 6.28 -0.32 -1.83
N SER A 11 5.90 -0.73 -3.04
CA SER A 11 6.71 -0.45 -4.23
C SER A 11 6.76 1.05 -4.50
N GLY A 12 7.80 1.47 -5.21
CA GLY A 12 7.95 2.88 -5.53
C GLY A 12 6.80 3.41 -6.36
N GLY A 13 5.81 4.00 -5.70
CA GLY A 13 4.67 4.54 -6.39
C GLY A 13 3.35 4.11 -5.76
N LEU A 14 3.37 3.00 -5.04
CA LEU A 14 2.18 2.49 -4.38
C LEU A 14 2.09 2.99 -2.94
N CYS A 15 0.98 2.67 -2.28
CA CYS A 15 0.78 3.08 -0.90
C CYS A 15 0.27 1.92 -0.06
N CYS A 16 0.66 1.90 1.22
CA CYS A 16 0.24 0.84 2.13
C CYS A 16 -1.16 1.12 2.69
N SER A 17 -2.06 0.16 2.52
CA SER A 17 -3.42 0.29 3.01
C SER A 17 -3.51 -0.03 4.49
N LYS A 18 -4.66 0.27 5.10
CA LYS A 18 -4.87 0.00 6.51
C LYS A 18 -4.96 -1.51 6.78
N TYR A 19 -5.04 -2.29 5.70
CA TYR A 19 -5.13 -3.73 5.82
C TYR A 19 -3.77 -4.39 5.57
N GLY A 20 -2.75 -3.55 5.40
CA GLY A 20 -1.41 -4.07 5.15
C GLY A 20 -1.19 -4.44 3.70
N TYR A 21 -2.13 -4.06 2.84
CA TYR A 21 -2.03 -4.34 1.41
C TYR A 21 -1.72 -3.08 0.62
N CYS A 22 -0.80 -3.21 -0.33
CA CYS A 22 -0.40 -2.08 -1.17
C CYS A 22 -1.47 -1.78 -2.21
N GLY A 23 -1.48 -0.54 -2.70
CA GLY A 23 -2.46 -0.14 -3.70
C GLY A 23 -2.42 1.35 -3.98
N SER A 24 -3.52 1.88 -4.51
CA SER A 24 -3.61 3.31 -4.83
C SER A 24 -4.90 3.90 -4.28
N GLY A 25 -5.17 5.16 -4.65
CA GLY A 25 -6.37 5.82 -4.18
C GLY A 25 -6.14 6.60 -2.90
N PRO A 26 -7.17 7.37 -2.47
CA PRO A 26 -7.05 8.16 -1.26
C PRO A 26 -7.15 7.27 -0.01
N ALA A 27 -7.77 6.11 -0.21
CA ALA A 27 -7.94 5.15 0.88
C ALA A 27 -6.67 4.36 1.12
N TYR A 28 -5.67 4.59 0.28
CA TYR A 28 -4.39 3.89 0.40
C TYR A 28 -3.26 4.87 0.68
N CYS A 29 -3.30 6.02 0.03
CA CYS A 29 -2.28 7.05 0.21
C CYS A 29 -2.72 8.08 1.24
N GLY A 30 -4.04 8.20 1.42
CA GLY A 30 -4.56 9.16 2.39
C GLY A 30 -4.52 8.62 3.81
N ALA A 1 -4.02 -3.85 -4.72
CA ALA A 1 -3.49 -3.87 -6.08
C ALA A 1 -2.59 -5.09 -6.30
N ALA A 2 -1.38 -5.03 -5.75
CA ALA A 2 -0.42 -6.13 -5.89
C ALA A 2 -0.67 -7.20 -4.83
N GLY A 3 -0.26 -6.92 -3.60
CA GLY A 3 -0.44 -7.86 -2.52
C GLY A 3 -0.25 -7.22 -1.14
N GLN A 4 0.50 -7.91 -0.28
CA GLN A 4 0.76 -7.40 1.06
C GLN A 4 2.02 -6.53 1.09
N CYS A 5 2.00 -5.50 1.91
CA CYS A 5 3.14 -4.60 2.04
C CYS A 5 4.33 -5.31 2.68
N TYR A 6 5.53 -4.83 2.39
CA TYR A 6 6.75 -5.41 2.93
C TYR A 6 7.28 -4.59 4.10
N ARG A 7 7.33 -5.21 5.29
CA ARG A 7 7.81 -4.54 6.48
C ARG A 7 7.16 -3.17 6.63
N GLY A 8 5.89 -3.07 6.22
CA GLY A 8 5.18 -1.81 6.33
C GLY A 8 5.59 -0.83 5.25
N ARG A 9 5.92 -1.35 4.08
CA ARG A 9 6.33 -0.49 2.97
C ARG A 9 6.06 -1.17 1.63
N CYS A 10 5.50 -0.42 0.69
CA CYS A 10 5.18 -0.96 -0.62
C CYS A 10 6.23 -0.53 -1.64
N SER A 11 6.07 -1.01 -2.88
CA SER A 11 7.00 -0.69 -3.95
C SER A 11 6.97 0.81 -4.28
N GLY A 12 8.11 1.34 -4.67
CA GLY A 12 8.19 2.75 -5.02
C GLY A 12 7.12 3.18 -6.00
N GLY A 13 6.07 3.83 -5.50
CA GLY A 13 4.99 4.27 -6.36
C GLY A 13 3.63 3.97 -5.78
N LEU A 14 3.51 2.82 -5.11
CA LEU A 14 2.25 2.42 -4.51
C LEU A 14 2.17 2.86 -3.05
N CYS A 15 1.02 2.65 -2.43
CA CYS A 15 0.82 3.02 -1.02
C CYS A 15 0.26 1.84 -0.22
N CYS A 16 0.61 1.79 1.06
CA CYS A 16 0.16 0.72 1.93
C CYS A 16 -1.22 1.05 2.52
N SER A 17 -2.16 0.13 2.35
CA SER A 17 -3.51 0.31 2.86
C SER A 17 -3.58 -0.04 4.34
N LYS A 18 -4.71 0.29 4.97
CA LYS A 18 -4.92 0.01 6.38
C LYS A 18 -5.07 -1.50 6.61
N TYR A 19 -5.20 -2.25 5.53
CA TYR A 19 -5.35 -3.70 5.62
C TYR A 19 -4.02 -4.40 5.34
N GLY A 20 -2.96 -3.62 5.16
CA GLY A 20 -1.66 -4.18 4.89
C GLY A 20 -1.47 -4.52 3.43
N TYR A 21 -2.41 -4.09 2.60
CA TYR A 21 -2.34 -4.35 1.16
C TYR A 21 -1.97 -3.10 0.39
N CYS A 22 -1.09 -3.26 -0.58
CA CYS A 22 -0.65 -2.13 -1.40
C CYS A 22 -1.71 -1.74 -2.42
N GLY A 23 -1.65 -0.50 -2.89
CA GLY A 23 -2.62 -0.02 -3.86
C GLY A 23 -2.52 1.47 -4.10
N SER A 24 -3.60 2.06 -4.61
CA SER A 24 -3.63 3.49 -4.89
C SER A 24 -4.88 4.14 -4.31
N GLY A 25 -5.09 5.40 -4.67
CA GLY A 25 -6.26 6.11 -4.18
C GLY A 25 -5.99 6.86 -2.89
N PRO A 26 -6.99 7.66 -2.43
CA PRO A 26 -6.83 8.42 -1.20
C PRO A 26 -6.96 7.50 0.02
N ALA A 27 -7.63 6.38 -0.18
CA ALA A 27 -7.84 5.41 0.88
C ALA A 27 -6.60 4.55 1.10
N TYR A 28 -5.59 4.75 0.25
CA TYR A 28 -4.34 4.00 0.35
C TYR A 28 -3.17 4.92 0.65
N CYS A 29 -3.16 6.09 0.01
CA CYS A 29 -2.09 7.06 0.21
C CYS A 29 -2.49 8.09 1.28
N GLY A 30 -3.79 8.27 1.47
CA GLY A 30 -4.27 9.21 2.45
C GLY A 30 -4.28 8.64 3.86
N ALA A 1 3.19 -5.81 -6.31
CA ALA A 1 2.73 -4.47 -6.00
C ALA A 1 1.20 -4.39 -6.02
N ALA A 2 0.56 -5.10 -5.09
CA ALA A 2 -0.89 -5.12 -4.99
C ALA A 2 -1.36 -5.90 -3.77
N GLY A 3 -0.63 -6.97 -3.44
CA GLY A 3 -0.98 -7.78 -2.30
C GLY A 3 -0.74 -7.07 -0.98
N GLN A 4 -0.09 -7.75 -0.05
CA GLN A 4 0.21 -7.18 1.25
C GLN A 4 1.55 -6.46 1.24
N CYS A 5 1.66 -5.42 2.05
CA CYS A 5 2.90 -4.64 2.13
C CYS A 5 4.02 -5.46 2.77
N TYR A 6 5.26 -5.09 2.48
CA TYR A 6 6.41 -5.79 3.02
C TYR A 6 7.11 -4.95 4.08
N ARG A 7 7.13 -5.45 5.32
CA ARG A 7 7.76 -4.74 6.42
C ARG A 7 7.34 -3.28 6.44
N GLY A 8 6.06 -3.02 6.18
CA GLY A 8 5.56 -1.67 6.17
C GLY A 8 6.05 -0.87 4.98
N ARG A 9 6.27 -1.55 3.87
CA ARG A 9 6.75 -0.89 2.66
C ARG A 9 6.13 -1.53 1.41
N CYS A 10 5.70 -0.68 0.48
CA CYS A 10 5.08 -1.15 -0.75
C CYS A 10 6.08 -1.09 -1.91
N SER A 11 5.60 -1.42 -3.11
CA SER A 11 6.45 -1.40 -4.30
C SER A 11 6.35 -0.06 -5.02
N GLY A 12 7.41 0.30 -5.72
CA GLY A 12 7.42 1.56 -6.45
C GLY A 12 7.03 2.73 -5.58
N GLY A 13 5.89 3.34 -5.89
CA GLY A 13 5.42 4.48 -5.12
C GLY A 13 4.00 4.29 -4.61
N LEU A 14 3.62 3.03 -4.37
CA LEU A 14 2.28 2.73 -3.89
C LEU A 14 2.14 3.09 -2.41
N CYS A 15 0.92 2.94 -1.88
CA CYS A 15 0.66 3.24 -0.49
C CYS A 15 0.08 2.03 0.24
N CYS A 16 0.36 1.94 1.53
CA CYS A 16 -0.13 0.83 2.35
C CYS A 16 -1.50 1.13 2.92
N SER A 17 -2.44 0.22 2.73
CA SER A 17 -3.80 0.40 3.22
C SER A 17 -3.90 0.00 4.69
N LYS A 18 -5.03 0.31 5.31
CA LYS A 18 -5.25 -0.01 6.71
C LYS A 18 -5.42 -1.52 6.90
N TYR A 19 -5.53 -2.25 5.79
CA TYR A 19 -5.69 -3.69 5.83
C TYR A 19 -4.37 -4.40 5.55
N GLY A 20 -3.31 -3.61 5.41
CA GLY A 20 -2.00 -4.18 5.14
C GLY A 20 -1.78 -4.46 3.67
N TYR A 21 -2.72 -4.00 2.84
CA TYR A 21 -2.62 -4.22 1.40
C TYR A 21 -2.22 -2.93 0.68
N CYS A 22 -1.31 -3.05 -0.28
CA CYS A 22 -0.85 -1.90 -1.04
C CYS A 22 -1.89 -1.47 -2.07
N GLY A 23 -1.77 -0.23 -2.53
CA GLY A 23 -2.72 0.28 -3.51
C GLY A 23 -2.59 1.78 -3.71
N SER A 24 -3.66 2.40 -4.20
CA SER A 24 -3.66 3.84 -4.44
C SER A 24 -4.93 4.48 -3.89
N GLY A 25 -5.14 5.75 -4.21
CA GLY A 25 -6.32 6.46 -3.74
C GLY A 25 -6.09 7.14 -2.40
N PRO A 26 -7.10 7.93 -1.95
CA PRO A 26 -6.99 8.63 -0.69
C PRO A 26 -7.18 7.67 0.49
N ALA A 27 -7.83 6.55 0.20
CA ALA A 27 -8.08 5.53 1.22
C ALA A 27 -6.85 4.67 1.45
N TYR A 28 -5.81 4.91 0.66
CA TYR A 28 -4.56 4.16 0.79
C TYR A 28 -3.40 5.08 1.16
N CYS A 29 -3.38 6.27 0.56
CA CYS A 29 -2.33 7.24 0.83
C CYS A 29 -2.76 8.21 1.92
N GLY A 30 -4.07 8.38 2.07
CA GLY A 30 -4.59 9.29 3.09
C GLY A 30 -4.59 8.68 4.47
N ALA A 1 -7.11 -9.29 -4.68
CA ALA A 1 -5.69 -9.35 -4.96
C ALA A 1 -5.13 -7.96 -5.25
N ALA A 2 -3.94 -7.67 -4.72
CA ALA A 2 -3.31 -6.37 -4.92
C ALA A 2 -1.82 -6.45 -4.62
N GLY A 3 -1.48 -7.11 -3.51
CA GLY A 3 -0.08 -7.23 -3.12
C GLY A 3 0.16 -6.80 -1.69
N GLN A 4 0.98 -7.57 -0.98
CA GLN A 4 1.29 -7.26 0.41
C GLN A 4 2.52 -6.37 0.51
N CYS A 5 2.46 -5.39 1.41
CA CYS A 5 3.57 -4.46 1.59
C CYS A 5 4.77 -5.18 2.21
N TYR A 6 5.82 -4.41 2.50
CA TYR A 6 7.03 -4.97 3.09
C TYR A 6 7.48 -4.15 4.29
N ARG A 7 7.48 -4.78 5.46
CA ARG A 7 7.89 -4.10 6.68
C ARG A 7 7.20 -2.74 6.82
N GLY A 8 5.98 -2.66 6.31
CA GLY A 8 5.24 -1.41 6.39
C GLY A 8 5.68 -0.42 5.33
N ARG A 9 6.08 -0.92 4.17
CA ARG A 9 6.53 -0.08 3.07
C ARG A 9 6.33 -0.76 1.72
N CYS A 10 5.80 -0.02 0.77
CA CYS A 10 5.55 -0.56 -0.57
C CYS A 10 6.62 -0.09 -1.56
N SER A 11 6.41 -0.38 -2.83
CA SER A 11 7.36 0.01 -3.87
C SER A 11 6.62 0.40 -5.15
N GLY A 12 7.38 0.64 -6.21
CA GLY A 12 6.79 1.03 -7.48
C GLY A 12 6.00 2.33 -7.37
N GLY A 13 6.25 3.09 -6.32
CA GLY A 13 5.56 4.34 -6.13
C GLY A 13 4.14 4.15 -5.62
N LEU A 14 3.88 2.99 -5.02
CA LEU A 14 2.56 2.68 -4.49
C LEU A 14 2.45 3.08 -3.02
N CYS A 15 1.25 2.95 -2.47
CA CYS A 15 1.01 3.29 -1.07
C CYS A 15 0.46 2.09 -0.30
N CYS A 16 0.88 1.96 0.95
CA CYS A 16 0.44 0.86 1.79
C CYS A 16 -0.92 1.15 2.42
N SER A 17 -1.86 0.23 2.23
CA SER A 17 -3.21 0.40 2.77
C SER A 17 -3.27 0.00 4.24
N LYS A 18 -4.38 0.31 4.89
CA LYS A 18 -4.57 -0.02 6.30
C LYS A 18 -4.71 -1.53 6.48
N TYR A 19 -4.84 -2.26 5.38
CA TYR A 19 -4.98 -3.71 5.43
C TYR A 19 -3.66 -4.39 5.11
N GLY A 20 -2.61 -3.59 4.94
CA GLY A 20 -1.30 -4.14 4.63
C GLY A 20 -1.12 -4.42 3.15
N TYR A 21 -2.06 -3.96 2.34
CA TYR A 21 -2.00 -4.17 0.89
C TYR A 21 -1.66 -2.88 0.18
N CYS A 22 -0.75 -2.96 -0.79
CA CYS A 22 -0.34 -1.80 -1.56
C CYS A 22 -1.39 -1.42 -2.60
N GLY A 23 -1.37 -0.17 -3.03
CA GLY A 23 -2.34 0.29 -4.02
C GLY A 23 -2.26 1.79 -4.25
N SER A 24 -3.35 2.37 -4.73
CA SER A 24 -3.41 3.80 -4.99
C SER A 24 -4.66 4.43 -4.39
N GLY A 25 -4.91 5.69 -4.72
CA GLY A 25 -6.08 6.38 -4.20
C GLY A 25 -5.81 7.06 -2.88
N PRO A 26 -6.81 7.84 -2.39
CA PRO A 26 -6.65 8.56 -1.13
C PRO A 26 -6.78 7.60 0.06
N ALA A 27 -7.43 6.47 -0.20
CA ALA A 27 -7.62 5.45 0.83
C ALA A 27 -6.36 4.62 1.02
N TYR A 28 -5.35 4.87 0.19
CA TYR A 28 -4.09 4.15 0.27
C TYR A 28 -2.94 5.09 0.59
N CYS A 29 -2.97 6.27 -0.03
CA CYS A 29 -1.92 7.26 0.19
C CYS A 29 -2.32 8.24 1.28
N GLY A 30 -3.62 8.38 1.51
CA GLY A 30 -4.11 9.28 2.53
C GLY A 30 -4.01 8.70 3.93
N ALA A 1 -0.66 -2.37 -5.04
CA ALA A 1 -1.46 -2.86 -6.14
C ALA A 1 -1.02 -4.26 -6.57
N ALA A 2 -0.85 -5.14 -5.59
CA ALA A 2 -0.42 -6.51 -5.86
C ALA A 2 -0.84 -7.45 -4.74
N GLY A 3 -0.32 -7.22 -3.54
CA GLY A 3 -0.66 -8.05 -2.40
C GLY A 3 -0.39 -7.37 -1.08
N GLN A 4 0.23 -8.10 -0.16
CA GLN A 4 0.54 -7.56 1.16
C GLN A 4 1.83 -6.74 1.12
N CYS A 5 1.90 -5.70 1.94
CA CYS A 5 3.08 -4.84 1.99
C CYS A 5 4.26 -5.59 2.59
N TYR A 6 5.40 -4.91 2.70
CA TYR A 6 6.61 -5.51 3.24
C TYR A 6 7.24 -4.60 4.29
N ARG A 7 7.31 -5.10 5.53
CA ARG A 7 7.89 -4.33 6.62
C ARG A 7 7.33 -2.91 6.65
N GLY A 8 6.07 -2.76 6.25
CA GLY A 8 5.44 -1.46 6.24
C GLY A 8 5.92 -0.60 5.07
N ARG A 9 6.16 -1.24 3.93
CA ARG A 9 6.61 -0.54 2.74
C ARG A 9 6.15 -1.25 1.48
N CYS A 10 5.65 -0.48 0.52
CA CYS A 10 5.17 -1.04 -0.74
C CYS A 10 6.13 -0.72 -1.88
N SER A 11 5.75 -1.09 -3.10
CA SER A 11 6.57 -0.83 -4.27
C SER A 11 6.72 0.66 -4.52
N GLY A 12 7.80 1.04 -5.20
CA GLY A 12 8.03 2.44 -5.49
C GLY A 12 6.92 3.05 -6.32
N GLY A 13 5.97 3.69 -5.65
CA GLY A 13 4.86 4.32 -6.35
C GLY A 13 3.52 3.98 -5.73
N LEU A 14 3.47 2.83 -5.05
CA LEU A 14 2.23 2.39 -4.40
C LEU A 14 2.20 2.81 -2.94
N CYS A 15 1.06 2.58 -2.28
CA CYS A 15 0.91 2.93 -0.89
C CYS A 15 0.32 1.76 -0.09
N CYS A 16 0.70 1.67 1.18
CA CYS A 16 0.21 0.60 2.05
C CYS A 16 -1.14 0.94 2.63
N SER A 17 -2.11 0.04 2.45
CA SER A 17 -3.46 0.26 2.96
C SER A 17 -3.55 -0.12 4.43
N LYS A 18 -4.67 0.23 5.06
CA LYS A 18 -4.88 -0.07 6.47
C LYS A 18 -5.07 -1.58 6.68
N TYR A 19 -5.22 -2.30 5.58
CA TYR A 19 -5.40 -3.75 5.65
C TYR A 19 -4.10 -4.49 5.36
N GLY A 20 -3.02 -3.72 5.19
CA GLY A 20 -1.72 -4.32 4.92
C GLY A 20 -1.54 -4.63 3.46
N TYR A 21 -2.44 -4.16 2.62
CA TYR A 21 -2.38 -4.40 1.19
C TYR A 21 -1.99 -3.12 0.44
N CYS A 22 -1.10 -3.27 -0.54
CA CYS A 22 -0.64 -2.14 -1.34
C CYS A 22 -1.70 -1.72 -2.35
N GLY A 23 -1.62 -0.48 -2.80
CA GLY A 23 -2.57 0.02 -3.77
C GLY A 23 -2.44 1.51 -4.01
N SER A 24 -3.51 2.13 -4.49
CA SER A 24 -3.50 3.56 -4.77
C SER A 24 -4.74 4.23 -4.18
N GLY A 25 -4.93 5.51 -4.51
CA GLY A 25 -6.08 6.24 -4.01
C GLY A 25 -5.79 6.95 -2.71
N PRO A 26 -6.77 7.77 -2.24
CA PRO A 26 -6.59 8.50 -1.00
C PRO A 26 -6.76 7.57 0.21
N ALA A 27 -7.44 6.46 -0.02
CA ALA A 27 -7.68 5.47 1.03
C ALA A 27 -6.46 4.59 1.24
N TYR A 28 -5.44 4.79 0.40
CA TYR A 28 -4.21 4.01 0.49
C TYR A 28 -3.02 4.90 0.80
N CYS A 29 -2.99 6.07 0.18
CA CYS A 29 -1.91 7.03 0.40
C CYS A 29 -2.28 8.04 1.47
N GLY A 30 -3.58 8.25 1.67
CA GLY A 30 -4.04 9.20 2.66
C GLY A 30 -4.06 10.61 2.14
N ALA A 1 3.55 -7.26 -4.94
CA ALA A 1 3.51 -5.84 -4.62
C ALA A 1 2.08 -5.35 -4.49
N ALA A 2 1.24 -5.70 -5.46
CA ALA A 2 -0.16 -5.29 -5.45
C ALA A 2 -0.91 -5.92 -4.28
N GLY A 3 -0.41 -7.07 -3.82
CA GLY A 3 -1.05 -7.76 -2.71
C GLY A 3 -0.69 -7.15 -1.38
N GLN A 4 -0.33 -8.00 -0.41
CA GLN A 4 0.03 -7.53 0.92
C GLN A 4 1.36 -6.80 0.90
N CYS A 5 1.48 -5.76 1.73
CA CYS A 5 2.70 -4.98 1.81
C CYS A 5 3.83 -5.81 2.41
N TYR A 6 5.01 -5.19 2.51
CA TYR A 6 6.18 -5.87 3.06
C TYR A 6 6.88 -5.00 4.09
N ARG A 7 6.89 -5.47 5.35
CA ARG A 7 7.52 -4.73 6.44
C ARG A 7 7.09 -3.26 6.41
N GLY A 8 5.84 -3.03 6.02
CA GLY A 8 5.32 -1.67 5.97
C GLY A 8 5.87 -0.89 4.78
N ARG A 9 6.07 -1.58 3.66
CA ARG A 9 6.59 -0.94 2.45
C ARG A 9 5.97 -1.56 1.21
N CYS A 10 5.56 -0.71 0.27
CA CYS A 10 4.95 -1.18 -0.97
C CYS A 10 5.86 -0.89 -2.17
N SER A 11 5.37 -1.18 -3.36
CA SER A 11 6.14 -0.96 -4.58
C SER A 11 6.40 0.52 -4.79
N GLY A 12 7.43 0.84 -5.58
CA GLY A 12 7.78 2.22 -5.84
C GLY A 12 6.67 2.97 -6.55
N GLY A 13 5.82 3.64 -5.78
CA GLY A 13 4.72 4.38 -6.37
C GLY A 13 3.38 4.05 -5.73
N LEU A 14 3.32 2.90 -5.07
CA LEU A 14 2.09 2.45 -4.42
C LEU A 14 2.08 2.86 -2.95
N CYS A 15 0.95 2.63 -2.29
CA CYS A 15 0.81 2.97 -0.88
C CYS A 15 0.16 1.83 -0.10
N CYS A 16 0.59 1.64 1.15
CA CYS A 16 0.06 0.59 2.00
C CYS A 16 -1.28 1.00 2.61
N SER A 17 -2.29 0.16 2.42
CA SER A 17 -3.63 0.45 2.94
C SER A 17 -3.72 0.03 4.41
N LYS A 18 -4.81 0.44 5.06
CA LYS A 18 -5.03 0.12 6.46
C LYS A 18 -5.29 -1.37 6.65
N TYR A 19 -5.48 -2.08 5.53
CA TYR A 19 -5.74 -3.51 5.58
C TYR A 19 -4.47 -4.31 5.28
N GLY A 20 -3.36 -3.59 5.10
CA GLY A 20 -2.10 -4.25 4.81
C GLY A 20 -1.93 -4.54 3.33
N TYR A 21 -2.82 -4.00 2.51
CA TYR A 21 -2.77 -4.22 1.07
C TYR A 21 -2.33 -2.94 0.34
N CYS A 22 -1.43 -3.10 -0.61
CA CYS A 22 -0.92 -1.97 -1.38
C CYS A 22 -1.95 -1.52 -2.42
N GLY A 23 -1.84 -0.26 -2.85
CA GLY A 23 -2.76 0.27 -3.83
C GLY A 23 -2.57 1.76 -4.06
N SER A 24 -3.62 2.41 -4.54
CA SER A 24 -3.57 3.85 -4.81
C SER A 24 -4.77 4.56 -4.20
N GLY A 25 -4.92 5.85 -4.52
CA GLY A 25 -6.02 6.62 -4.00
C GLY A 25 -5.70 7.29 -2.68
N PRO A 26 -6.63 8.14 -2.18
CA PRO A 26 -6.41 8.84 -0.93
C PRO A 26 -6.60 7.90 0.26
N ALA A 27 -7.34 6.82 0.02
CA ALA A 27 -7.61 5.83 1.05
C ALA A 27 -6.42 4.89 1.23
N TYR A 28 -5.40 5.07 0.39
CA TYR A 28 -4.20 4.24 0.47
C TYR A 28 -2.98 5.09 0.78
N CYS A 29 -2.90 6.27 0.17
CA CYS A 29 -1.79 7.17 0.38
C CYS A 29 -2.10 8.19 1.47
N GLY A 30 -3.39 8.43 1.68
CA GLY A 30 -3.81 9.38 2.70
C GLY A 30 -3.78 10.82 2.20
#